data_3V30
#
_entry.id   3V30
#
_cell.length_a   108.804
_cell.length_b   31.499
_cell.length_c   63.079
_cell.angle_alpha   90.000
_cell.angle_beta   107.530
_cell.angle_gamma   90.000
#
_symmetry.space_group_name_H-M   'C 1 2 1'
#
loop_
_entity.id
_entity.type
_entity.pdbx_description
1 polymer 'DNA-binding protein RFXANK'
2 polymer 'DNA-binding protein RFX5'
3 water water
#
loop_
_entity_poly.entity_id
_entity_poly.type
_entity_poly.pdbx_seq_one_letter_code
_entity_poly.pdbx_strand_id
1 'polypeptide(L)'
;GDSLSIHQLAAQGELDQLKEHLRKGDNLVNKPDERGFTPLIWASAFGEIETVRFLLEWGADPHILAKERESALSLASTGG
YTDIVGLLLERDVDINIYDWNGGTPLLYAVRGNHVKCVEALLARGADLTTEADSGYTPMDLAVALGYRKVQQVIENHILK
LFQSNLVPADPE
;
A
2 'polypeptide(L)' KTLVSMPPLPGLDLKGS B
#
# COMPACT_ATOMS: atom_id res chain seq x y z
N LEU A 4 0.90 5.74 24.28
CA LEU A 4 0.62 5.84 22.80
C LEU A 4 -0.72 5.24 22.43
N SER A 5 -1.37 5.83 21.42
CA SER A 5 -2.62 5.31 20.91
C SER A 5 -2.37 3.96 20.23
N ILE A 6 -3.43 3.18 20.03
CA ILE A 6 -3.28 1.91 19.33
C ILE A 6 -2.72 2.12 17.92
N HIS A 7 -3.05 3.26 17.31
CA HIS A 7 -2.58 3.57 15.96
C HIS A 7 -1.07 3.74 15.96
N GLN A 8 -0.56 4.50 16.94
CA GLN A 8 0.88 4.69 17.08
C GLN A 8 1.63 3.42 17.50
N LEU A 9 1.00 2.61 18.35
CA LEU A 9 1.57 1.29 18.71
C LEU A 9 1.74 0.43 17.46
N ALA A 10 0.73 0.42 16.61
CA ALA A 10 0.81 -0.29 15.32
C ALA A 10 1.90 0.30 14.43
N ALA A 11 1.90 1.62 14.27
CA ALA A 11 2.88 2.30 13.40
C ALA A 11 4.30 1.99 13.80
N GLN A 12 4.52 1.89 15.12
CA GLN A 12 5.87 1.75 15.66
C GLN A 12 6.26 0.29 15.94
N GLY A 13 5.36 -0.64 15.61
CA GLY A 13 5.63 -2.08 15.80
C GLY A 13 5.79 -2.48 17.26
N GLU A 14 5.11 -1.76 18.15
CA GLU A 14 5.06 -2.10 19.57
C GLU A 14 4.00 -3.18 19.79
N LEU A 15 4.29 -4.39 19.32
CA LEU A 15 3.29 -5.43 19.17
C LEU A 15 2.79 -5.98 20.51
N ASP A 16 3.69 -6.13 21.48
CA ASP A 16 3.28 -6.60 22.80
C ASP A 16 2.25 -5.66 23.42
N GLN A 17 2.51 -4.36 23.31
CA GLN A 17 1.56 -3.35 23.82
C GLN A 17 0.27 -3.35 23.01
N LEU A 18 0.38 -3.47 21.68
CA LEU A 18 -0.81 -3.54 20.83
C LEU A 18 -1.70 -4.72 21.19
N LYS A 19 -1.11 -5.90 21.41
CA LYS A 19 -1.89 -7.09 21.81
C LYS A 19 -2.64 -6.86 23.12
N GLU A 20 -1.98 -6.20 24.07
CA GLU A 20 -2.62 -5.87 25.35
C GLU A 20 -3.84 -4.96 25.16
N HIS A 21 -3.69 -3.90 24.37
CA HIS A 21 -4.80 -3.01 24.06
C HIS A 21 -5.98 -3.74 23.41
N LEU A 22 -5.69 -4.73 22.57
CA LEU A 22 -6.73 -5.47 21.85
C LEU A 22 -7.33 -6.64 22.63
N ARG A 23 -6.77 -6.95 23.80
CA ARG A 23 -7.15 -8.14 24.60
C ARG A 23 -8.61 -8.62 24.58
N LYS A 24 -9.56 -7.66 24.61
CA LYS A 24 -10.99 -7.99 24.63
C LYS A 24 -11.48 -8.61 23.32
N GLY A 25 -10.83 -8.23 22.21
CA GLY A 25 -11.09 -8.82 20.90
C GLY A 25 -12.37 -8.41 20.20
N ASP A 26 -12.85 -7.20 20.51
CA ASP A 26 -14.05 -6.65 19.85
C ASP A 26 -13.70 -5.91 18.55
N ASN A 27 -14.49 -4.92 18.16
CA ASN A 27 -14.20 -4.19 16.93
C ASN A 27 -13.13 -3.08 17.05
N LEU A 28 -12.56 -2.92 18.25
CA LEU A 28 -11.41 -2.02 18.44
C LEU A 28 -10.26 -2.21 17.42
N VAL A 29 -10.05 -3.43 16.95
CA VAL A 29 -9.04 -3.69 15.91
C VAL A 29 -9.21 -2.80 14.67
N ASN A 30 -10.45 -2.44 14.34
CA ASN A 30 -10.75 -1.64 13.15
C ASN A 30 -11.01 -0.17 13.46
N LYS A 31 -10.70 0.25 14.69
CA LYS A 31 -11.01 1.62 15.13
C LYS A 31 -10.35 2.67 14.23
N PRO A 32 -11.15 3.55 13.61
CA PRO A 32 -10.53 4.63 12.83
C PRO A 32 -10.04 5.75 13.74
N ASP A 33 -8.87 6.32 13.42
CA ASP A 33 -8.44 7.54 14.08
C ASP A 33 -9.11 8.77 13.42
N GLU A 34 -8.67 9.97 13.78
CA GLU A 34 -9.33 11.18 13.29
C GLU A 34 -9.34 11.34 11.77
N ARG A 35 -8.36 10.75 11.08
CA ARG A 35 -8.32 10.80 9.61
C ARG A 35 -8.91 9.55 8.96
N GLY A 36 -9.43 8.64 9.78
CA GLY A 36 -10.01 7.38 9.32
C GLY A 36 -9.01 6.23 9.20
N PHE A 37 -7.77 6.42 9.63
CA PHE A 37 -6.78 5.36 9.55
C PHE A 37 -7.02 4.29 10.60
N THR A 38 -6.91 3.04 10.18
CA THR A 38 -6.98 1.93 11.13
C THR A 38 -5.57 1.60 11.62
N PRO A 39 -5.45 0.80 12.70
CA PRO A 39 -4.12 0.34 13.09
C PRO A 39 -3.40 -0.36 11.94
N LEU A 40 -4.12 -1.15 11.16
CA LEU A 40 -3.52 -1.85 10.03
C LEU A 40 -2.95 -0.89 8.99
N ILE A 41 -3.65 0.19 8.69
CA ILE A 41 -3.11 1.17 7.75
C ILE A 41 -1.78 1.76 8.26
N TRP A 42 -1.76 2.12 9.54
CA TRP A 42 -0.53 2.63 10.13
C TRP A 42 0.62 1.62 10.05
N ALA A 43 0.35 0.37 10.44
CA ALA A 43 1.43 -0.64 10.38
C ALA A 43 1.90 -0.87 8.95
N SER A 44 0.95 -0.87 8.02
CA SER A 44 1.29 -1.08 6.62
C SER A 44 2.17 0.06 6.09
N ALA A 45 1.82 1.30 6.47
CA ALA A 45 2.52 2.48 5.97
C ALA A 45 3.95 2.54 6.48
N PHE A 46 4.19 1.93 7.63
CA PHE A 46 5.52 1.90 8.23
C PHE A 46 6.29 0.59 8.00
N GLY A 47 5.73 -0.32 7.19
CA GLY A 47 6.46 -1.56 6.86
C GLY A 47 6.63 -2.53 8.02
N GLU A 48 5.74 -2.43 9.02
CA GLU A 48 5.83 -3.27 10.21
C GLU A 48 5.19 -4.65 9.96
N ILE A 49 5.97 -5.53 9.32
CA ILE A 49 5.45 -6.79 8.81
C ILE A 49 4.84 -7.66 9.91
N GLU A 50 5.52 -7.80 11.05
CA GLU A 50 5.00 -8.72 12.08
C GLU A 50 3.69 -8.19 12.62
N THR A 51 3.62 -6.87 12.81
CA THR A 51 2.38 -6.25 13.26
C THR A 51 1.25 -6.42 12.21
N VAL A 52 1.57 -6.23 10.93
CA VAL A 52 0.58 -6.48 9.88
C VAL A 52 0.05 -7.92 9.94
N ARG A 53 0.96 -8.89 10.02
CA ARG A 53 0.58 -10.30 10.11
C ARG A 53 -0.34 -10.55 11.29
N PHE A 54 0.02 -9.99 12.45
CA PHE A 54 -0.80 -10.17 13.65
C PHE A 54 -2.20 -9.60 13.45
N LEU A 55 -2.27 -8.38 12.91
CA LEU A 55 -3.56 -7.73 12.71
C LEU A 55 -4.44 -8.49 11.72
N LEU A 56 -3.86 -8.93 10.60
CA LEU A 56 -4.60 -9.72 9.62
C LEU A 56 -5.11 -11.03 10.23
N GLU A 57 -4.24 -11.73 10.96
CA GLU A 57 -4.63 -13.00 11.55
CA GLU A 57 -4.58 -13.01 11.61
C GLU A 57 -5.70 -12.81 12.62
N TRP A 58 -5.63 -11.71 13.37
CA TRP A 58 -6.67 -11.34 14.33
C TRP A 58 -8.01 -11.10 13.64
N GLY A 59 -7.95 -10.69 12.36
CA GLY A 59 -9.14 -10.44 11.56
C GLY A 59 -9.38 -8.98 11.23
N ALA A 60 -8.36 -8.14 11.36
CA ALA A 60 -8.47 -6.72 10.94
C ALA A 60 -8.95 -6.64 9.50
N ASP A 61 -9.85 -5.69 9.25
CA ASP A 61 -10.42 -5.50 7.94
C ASP A 61 -9.43 -4.74 7.06
N PRO A 62 -8.90 -5.39 6.00
CA PRO A 62 -7.84 -4.74 5.21
C PRO A 62 -8.39 -3.82 4.12
N HIS A 63 -9.71 -3.80 3.95
CA HIS A 63 -10.38 -3.03 2.89
C HIS A 63 -10.71 -1.60 3.27
N ILE A 64 -10.68 -1.31 4.57
CA ILE A 64 -11.10 0.02 5.07
C ILE A 64 -10.32 1.17 4.43
N LEU A 65 -11.06 2.18 4.03
CA LEU A 65 -10.47 3.39 3.48
C LEU A 65 -10.55 4.53 4.48
N ALA A 66 -9.47 5.32 4.55
CA ALA A 66 -9.47 6.51 5.38
C ALA A 66 -10.24 7.66 4.70
N LYS A 67 -10.24 8.84 5.33
CA LYS A 67 -11.15 9.90 4.92
C LYS A 67 -10.90 10.42 3.51
N GLU A 68 -9.68 10.29 3.00
CA GLU A 68 -9.36 10.70 1.63
C GLU A 68 -9.09 9.51 0.72
N ARG A 69 -9.64 8.38 1.13
CA ARG A 69 -9.59 7.09 0.42
C ARG A 69 -8.25 6.36 0.48
N GLU A 70 -7.37 6.77 1.39
CA GLU A 70 -6.12 6.05 1.62
C GLU A 70 -6.43 4.62 2.11
N SER A 71 -5.64 3.67 1.63
CA SER A 71 -5.80 2.27 2.00
C SER A 71 -4.49 1.69 2.50
N ALA A 72 -4.58 0.58 3.22
CA ALA A 72 -3.37 -0.12 3.63
C ALA A 72 -2.53 -0.50 2.42
N LEU A 73 -3.19 -0.95 1.34
CA LEU A 73 -2.46 -1.41 0.17
C LEU A 73 -1.70 -0.26 -0.50
N SER A 74 -2.34 0.88 -0.67
CA SER A 74 -1.64 1.99 -1.33
C SER A 74 -0.51 2.58 -0.48
N LEU A 75 -0.70 2.59 0.84
CA LEU A 75 0.36 3.12 1.69
C LEU A 75 1.55 2.15 1.76
N ALA A 76 1.27 0.84 1.77
CA ALA A 76 2.34 -0.13 1.74
C ALA A 76 3.10 -0.03 0.41
N SER A 77 2.36 0.14 -0.69
CA SER A 77 2.96 0.19 -2.02
C SER A 77 3.82 1.44 -2.17
N THR A 78 3.33 2.55 -1.61
CA THR A 78 4.06 3.82 -1.61
C THR A 78 5.44 3.66 -0.99
N GLY A 79 5.51 2.86 0.08
CA GLY A 79 6.76 2.61 0.79
C GLY A 79 7.57 1.46 0.22
N GLY A 80 7.04 0.80 -0.81
CA GLY A 80 7.75 -0.31 -1.48
C GLY A 80 7.76 -1.59 -0.67
N TYR A 81 6.80 -1.72 0.25
CA TYR A 81 6.79 -2.85 1.20
C TYR A 81 6.16 -4.09 0.58
N THR A 82 6.93 -4.75 -0.29
CA THR A 82 6.47 -5.86 -1.13
C THR A 82 5.84 -6.98 -0.32
N ASP A 83 6.44 -7.32 0.80
CA ASP A 83 5.93 -8.43 1.60
C ASP A 83 4.59 -8.09 2.22
N ILE A 84 4.44 -6.86 2.70
CA ILE A 84 3.14 -6.43 3.22
C ILE A 84 2.08 -6.37 2.09
N VAL A 85 2.48 -5.87 0.91
CA VAL A 85 1.60 -5.87 -0.25
C VAL A 85 1.08 -7.30 -0.50
N GLY A 86 1.98 -8.28 -0.46
CA GLY A 86 1.58 -9.66 -0.72
C GLY A 86 0.61 -10.16 0.33
N LEU A 87 0.86 -9.83 1.61
CA LEU A 87 -0.03 -10.23 2.70
C LEU A 87 -1.43 -9.68 2.50
N LEU A 88 -1.51 -8.40 2.12
CA LEU A 88 -2.80 -7.76 1.91
C LEU A 88 -3.54 -8.34 0.71
N LEU A 89 -2.82 -8.64 -0.35
CA LEU A 89 -3.43 -9.22 -1.53
C LEU A 89 -3.95 -10.63 -1.31
N GLU A 90 -3.31 -11.37 -0.40
CA GLU A 90 -3.81 -12.69 0.01
C GLU A 90 -5.14 -12.60 0.74
N ARG A 91 -5.49 -11.40 1.19
CA ARG A 91 -6.78 -11.16 1.86
C ARG A 91 -7.81 -10.53 0.92
N ASP A 92 -7.51 -10.57 -0.38
CA ASP A 92 -8.47 -10.20 -1.44
C ASP A 92 -8.84 -8.72 -1.44
N VAL A 93 -7.90 -7.87 -1.04
CA VAL A 93 -8.08 -6.43 -1.23
C VAL A 93 -8.09 -6.08 -2.70
N ASP A 94 -8.75 -4.96 -3.01
CA ASP A 94 -8.80 -4.46 -4.38
C ASP A 94 -7.43 -3.95 -4.81
N ILE A 95 -6.79 -4.69 -5.72
CA ILE A 95 -5.44 -4.39 -6.19
C ILE A 95 -5.36 -3.07 -6.98
N ASN A 96 -6.50 -2.59 -7.46
CA ASN A 96 -6.57 -1.39 -8.26
C ASN A 96 -7.23 -0.24 -7.52
N ILE A 97 -7.27 -0.31 -6.19
CA ILE A 97 -7.95 0.70 -5.40
C ILE A 97 -7.51 2.13 -5.74
N TYR A 98 -8.48 2.99 -6.02
CA TYR A 98 -8.22 4.37 -6.40
C TYR A 98 -8.49 5.28 -5.22
N ASP A 99 -7.64 6.30 -5.03
CA ASP A 99 -7.89 7.31 -3.99
C ASP A 99 -7.79 8.70 -4.64
N TRP A 100 -8.27 9.71 -3.92
CA TRP A 100 -8.48 11.03 -4.53
C TRP A 100 -7.20 11.83 -4.77
N ASN A 101 -6.08 11.37 -4.22
CA ASN A 101 -4.77 11.90 -4.64
C ASN A 101 -4.48 11.58 -6.11
N GLY A 102 -5.18 10.58 -6.66
CA GLY A 102 -5.18 10.32 -8.09
C GLY A 102 -4.63 8.99 -8.53
N GLY A 103 -4.16 8.19 -7.56
CA GLY A 103 -3.42 6.97 -7.87
C GLY A 103 -4.04 5.64 -7.47
N THR A 104 -3.21 4.62 -7.66
CA THR A 104 -3.50 3.21 -7.42
C THR A 104 -2.22 2.64 -6.84
N PRO A 105 -2.29 1.43 -6.25
CA PRO A 105 -1.08 0.80 -5.74
C PRO A 105 0.06 0.72 -6.77
N LEU A 106 -0.27 0.31 -7.99
CA LEU A 106 0.73 0.20 -9.04
C LEU A 106 1.37 1.56 -9.35
N LEU A 107 0.54 2.61 -9.44
CA LEU A 107 1.08 3.95 -9.72
C LEU A 107 2.03 4.38 -8.60
N TYR A 108 1.66 4.11 -7.35
CA TYR A 108 2.50 4.50 -6.21
C TYR A 108 3.81 3.73 -6.17
N ALA A 109 3.76 2.45 -6.51
CA ALA A 109 4.96 1.61 -6.51
C ALA A 109 5.90 2.09 -7.62
N VAL A 110 5.34 2.41 -8.79
CA VAL A 110 6.16 2.98 -9.87
C VAL A 110 6.75 4.33 -9.46
N ARG A 111 5.93 5.21 -8.87
CA ARG A 111 6.40 6.57 -8.57
C ARG A 111 7.58 6.56 -7.59
N GLY A 112 7.59 5.58 -6.68
CA GLY A 112 8.69 5.41 -5.71
C GLY A 112 9.85 4.56 -6.18
N ASN A 113 9.80 4.12 -7.44
CA ASN A 113 10.89 3.31 -8.04
C ASN A 113 11.02 1.97 -7.31
N HIS A 114 9.90 1.43 -6.88
CA HIS A 114 9.89 0.21 -6.06
C HIS A 114 9.74 -1.01 -6.95
N VAL A 115 10.87 -1.45 -7.51
CA VAL A 115 10.89 -2.51 -8.50
C VAL A 115 10.21 -3.79 -8.05
N LYS A 116 10.56 -4.29 -6.86
CA LYS A 116 10.02 -5.55 -6.38
C LYS A 116 8.52 -5.45 -6.15
N CYS A 117 8.07 -4.31 -5.64
CA CYS A 117 6.64 -4.11 -5.40
C CYS A 117 5.87 -4.02 -6.71
N VAL A 118 6.42 -3.32 -7.70
CA VAL A 118 5.83 -3.31 -9.05
C VAL A 118 5.70 -4.75 -9.58
N GLU A 119 6.78 -5.52 -9.45
CA GLU A 119 6.78 -6.92 -9.90
C GLU A 119 5.65 -7.71 -9.23
N ALA A 120 5.48 -7.53 -7.93
CA ALA A 120 4.50 -8.30 -7.16
C ALA A 120 3.08 -7.93 -7.58
N LEU A 121 2.86 -6.63 -7.74
CA LEU A 121 1.55 -6.13 -8.13
C LEU A 121 1.16 -6.65 -9.51
N LEU A 122 2.11 -6.62 -10.45
CA LEU A 122 1.85 -7.12 -11.81
C LEU A 122 1.62 -8.63 -11.82
N ALA A 123 2.38 -9.36 -11.00
CA ALA A 123 2.25 -10.83 -10.94
C ALA A 123 0.86 -11.23 -10.46
N ARG A 124 0.23 -10.34 -9.69
CA ARG A 124 -1.10 -10.57 -9.17
C ARG A 124 -2.20 -9.91 -10.02
N GLY A 125 -1.81 -9.37 -11.17
CA GLY A 125 -2.76 -8.90 -12.16
C GLY A 125 -3.20 -7.46 -12.07
N ALA A 126 -2.44 -6.61 -11.38
CA ALA A 126 -2.79 -5.18 -11.33
C ALA A 126 -2.91 -4.61 -12.75
N ASP A 127 -3.86 -3.69 -12.93
CA ASP A 127 -4.17 -3.12 -14.24
C ASP A 127 -3.17 -2.06 -14.67
N LEU A 128 -2.42 -2.36 -15.74
CA LEU A 128 -1.43 -1.44 -16.29
C LEU A 128 -2.01 -0.32 -17.15
N THR A 129 -3.29 -0.40 -17.49
CA THR A 129 -3.88 0.59 -18.39
C THR A 129 -4.43 1.79 -17.63
N THR A 130 -4.62 1.63 -16.33
CA THR A 130 -5.27 2.65 -15.51
C THR A 130 -4.36 3.87 -15.31
N GLU A 131 -4.81 5.02 -15.84
CA GLU A 131 -4.09 6.28 -15.71
C GLU A 131 -4.29 6.88 -14.34
N ALA A 132 -3.26 7.58 -13.86
CA ALA A 132 -3.42 8.51 -12.76
C ALA A 132 -4.34 9.65 -13.20
N ASP A 133 -4.88 10.38 -12.24
CA ASP A 133 -5.71 11.56 -12.57
C ASP A 133 -4.91 12.61 -13.35
N SER A 134 -3.60 12.60 -13.18
CA SER A 134 -2.69 13.47 -13.91
C SER A 134 -2.58 13.09 -15.39
N GLY A 135 -3.08 11.91 -15.75
CA GLY A 135 -3.07 11.43 -17.12
C GLY A 135 -1.98 10.44 -17.46
N TYR A 136 -1.03 10.24 -16.53
CA TYR A 136 0.07 9.31 -16.74
C TYR A 136 -0.32 7.87 -16.41
N THR A 137 -0.04 6.93 -17.31
CA THR A 137 -0.11 5.50 -16.95
C THR A 137 1.15 5.10 -16.16
N PRO A 138 1.13 3.90 -15.53
CA PRO A 138 2.35 3.48 -14.83
C PRO A 138 3.57 3.45 -15.77
N MET A 139 3.40 2.94 -16.99
CA MET A 139 4.52 2.96 -17.93
C MET A 139 4.93 4.38 -18.28
N ASP A 140 3.96 5.28 -18.50
CA ASP A 140 4.29 6.67 -18.78
C ASP A 140 5.19 7.25 -17.70
N LEU A 141 4.84 6.99 -16.42
CA LEU A 141 5.64 7.48 -15.29
C LEU A 141 7.05 6.90 -15.28
N ALA A 142 7.13 5.58 -15.46
CA ALA A 142 8.43 4.91 -15.44
C ALA A 142 9.33 5.46 -16.56
N VAL A 143 8.76 5.65 -17.75
CA VAL A 143 9.51 6.21 -18.86
C VAL A 143 9.91 7.66 -18.61
N ALA A 144 8.97 8.50 -18.19
CA ALA A 144 9.26 9.93 -17.96
C ALA A 144 10.30 10.15 -16.86
N LEU A 145 10.27 9.30 -15.84
CA LEU A 145 11.17 9.43 -14.69
C LEU A 145 12.51 8.74 -14.93
N GLY A 146 12.62 7.95 -15.99
CA GLY A 146 13.87 7.23 -16.28
C GLY A 146 14.13 6.07 -15.33
N TYR A 147 13.05 5.45 -14.85
CA TYR A 147 13.19 4.30 -13.96
C TYR A 147 13.26 3.05 -14.80
N ARG A 148 14.46 2.74 -15.27
CA ARG A 148 14.65 1.76 -16.32
C ARG A 148 14.40 0.32 -15.93
N LYS A 149 14.74 -0.05 -14.69
CA LYS A 149 14.40 -1.39 -14.22
C LYS A 149 12.88 -1.56 -14.06
N VAL A 150 12.21 -0.54 -13.53
CA VAL A 150 10.76 -0.58 -13.45
C VAL A 150 10.19 -0.75 -14.86
N GLN A 151 10.75 0.02 -15.81
CA GLN A 151 10.30 -0.06 -17.20
C GLN A 151 10.46 -1.50 -17.73
N GLN A 152 11.61 -2.11 -17.46
CA GLN A 152 11.88 -3.49 -17.89
C GLN A 152 10.88 -4.49 -17.30
N VAL A 153 10.61 -4.36 -15.99
CA VAL A 153 9.65 -5.22 -15.31
C VAL A 153 8.26 -5.12 -15.94
N ILE A 154 7.85 -3.89 -16.27
CA ILE A 154 6.58 -3.64 -16.93
C ILE A 154 6.60 -4.31 -18.31
N GLU A 155 7.67 -4.10 -19.05
CA GLU A 155 7.83 -4.70 -20.37
C GLU A 155 7.75 -6.22 -20.35
N ASN A 156 8.39 -6.85 -19.36
CA ASN A 156 8.35 -8.30 -19.25
C ASN A 156 6.96 -8.84 -18.94
N HIS A 157 6.20 -8.05 -18.17
CA HIS A 157 4.83 -8.40 -17.85
C HIS A 157 3.95 -8.26 -19.09
N ILE A 158 4.14 -7.18 -19.83
CA ILE A 158 3.36 -6.93 -21.05
C ILE A 158 3.59 -8.06 -22.06
N LEU A 159 4.84 -8.51 -22.18
CA LEU A 159 5.18 -9.68 -23.01
C LEU A 159 4.29 -10.87 -22.71
N LYS A 160 4.18 -11.21 -21.42
CA LYS A 160 3.41 -12.37 -20.96
C LYS A 160 1.91 -12.22 -21.18
N LEU A 161 1.42 -10.99 -21.23
CA LEU A 161 -0.01 -10.76 -21.45
C LEU A 161 -0.44 -11.23 -22.84
N PHE A 162 0.50 -11.25 -23.78
CA PHE A 162 0.18 -11.51 -25.18
C PHE A 162 0.83 -12.77 -25.79
N GLN A 163 1.52 -13.54 -24.96
CA GLN A 163 2.25 -14.75 -25.39
C GLN A 163 2.03 -15.87 -24.39
N SER A 164 2.03 -17.12 -24.87
CA SER A 164 1.78 -18.28 -24.01
C SER A 164 2.91 -18.56 -23.02
N THR B 2 7.61 9.82 21.44
CA THR B 2 7.76 9.53 19.98
C THR B 2 6.40 9.27 19.33
N LEU B 3 5.99 10.21 18.47
CA LEU B 3 4.77 10.06 17.67
C LEU B 3 5.15 10.26 16.21
N VAL B 4 5.04 9.18 15.42
CA VAL B 4 5.46 9.16 14.01
C VAL B 4 4.41 9.73 13.06
N SER B 5 4.87 10.24 11.92
CA SER B 5 4.01 10.95 11.00
C SER B 5 3.63 10.05 9.82
N MET B 6 2.34 9.93 9.55
CA MET B 6 1.88 9.13 8.41
C MET B 6 2.46 9.69 7.12
N PRO B 7 3.14 8.84 6.32
CA PRO B 7 3.69 9.38 5.08
C PRO B 7 2.57 9.78 4.12
N PRO B 8 2.84 10.76 3.23
CA PRO B 8 1.88 11.13 2.20
C PRO B 8 1.84 10.11 1.06
N LEU B 9 0.72 10.05 0.37
CA LEU B 9 0.69 9.39 -0.95
C LEU B 9 1.30 10.38 -1.93
N PRO B 10 2.29 9.94 -2.73
CA PRO B 10 3.02 10.86 -3.60
C PRO B 10 2.20 11.38 -4.78
N GLY B 11 2.54 12.59 -5.24
CA GLY B 11 1.98 13.12 -6.48
C GLY B 11 2.39 12.29 -7.68
N LEU B 12 1.43 12.06 -8.58
CA LEU B 12 1.66 11.22 -9.76
C LEU B 12 1.89 12.04 -11.01
N ASP B 13 2.69 13.07 -10.84
CA ASP B 13 3.30 13.73 -11.96
C ASP B 13 4.80 13.78 -11.71
N LEU B 14 5.48 14.60 -12.49
CA LEU B 14 6.93 14.61 -12.50
C LEU B 14 7.52 15.64 -11.55
N LYS B 15 6.66 16.42 -10.88
CA LYS B 15 7.11 17.47 -9.97
C LYS B 15 8.10 16.96 -8.92
N GLY B 16 9.28 17.58 -8.89
CA GLY B 16 10.31 17.20 -7.91
C GLY B 16 11.16 15.98 -8.27
N SER B 17 10.81 15.32 -9.38
CA SER B 17 11.54 14.14 -9.88
C SER B 17 11.79 13.05 -8.82
#